data_7W1N
#
_entry.id   7W1N
#
_cell.length_a   46.307
_cell.length_b   60.442
_cell.length_c   81.947
_cell.angle_alpha   90.000
_cell.angle_beta   90.000
_cell.angle_gamma   90.000
#
_symmetry.space_group_name_H-M   'P 21 21 21'
#
loop_
_entity.id
_entity.type
_entity.pdbx_description
1 polymer 'Leaf-branch compost cutinase'
2 non-polymer BICINE
3 non-polymer 1,2-ETHANEDIOL
4 water water
#
_entity_poly.entity_id   1
_entity_poly.type   'polypeptide(L)'
_entity_poly.pdbx_seq_one_letter_code
;GAGAGAGAGAGMSNPYQRGPNPTRSALTADGPFSVKTYTVSRLSVSGFGGGRIYYPTGTSLTFGGIAMSPGYTADASSLA
WLGRRLASHGFVVLVINTNSRFDGPDSRASQLSAALNYLRTSSPSAVRARLDANRLAVAGHSMGGGGTLRIAEQNPSLKA
AVPLTPWHTDKTFNTSVPVLIVGAEADTVAPVSQHAIPFYQNLPSTTPKVYVELCNASHIAPNSPNAAISVYTISWMKLW
VDNDTRYRQFLCNVNDPALCDFRTNNRHCQ
;
_entity_poly.pdbx_strand_id   A
#
loop_
_chem_comp.id
_chem_comp.type
_chem_comp.name
_chem_comp.formula
BCN non-polymer BICINE 'C6 H13 N O4'
EDO non-polymer 1,2-ETHANEDIOL 'C2 H6 O2'
#
# COMPACT_ATOMS: atom_id res chain seq x y z
N SER A 13 -19.85 15.77 5.72
CA SER A 13 -19.22 16.68 4.73
C SER A 13 -17.99 16.06 4.03
N ASN A 14 -17.17 15.14 4.59
CA ASN A 14 -16.17 14.38 3.75
C ASN A 14 -16.89 13.16 3.17
N PRO A 15 -17.23 13.13 1.86
CA PRO A 15 -18.01 12.02 1.32
C PRO A 15 -17.25 10.69 1.28
N TYR A 16 -15.94 10.70 1.44
CA TYR A 16 -15.11 9.47 1.37
C TYR A 16 -14.79 8.95 2.77
N GLN A 17 -15.19 9.67 3.82
CA GLN A 17 -14.87 9.30 5.22
C GLN A 17 -15.60 8.03 5.63
N ARG A 18 -14.84 7.07 6.16
CA ARG A 18 -15.35 5.78 6.63
C ARG A 18 -14.81 5.46 8.01
N GLY A 19 -15.70 4.83 8.79
CA GLY A 19 -15.34 4.18 10.05
C GLY A 19 -15.25 5.18 11.19
N PRO A 20 -15.12 4.66 12.40
CA PRO A 20 -15.11 5.47 13.62
C PRO A 20 -13.84 6.35 13.69
N ASN A 21 -13.87 7.35 14.57
CA ASN A 21 -12.68 8.16 14.86
C ASN A 21 -11.60 7.17 15.31
N PRO A 22 -10.42 7.19 14.65
CA PRO A 22 -9.41 6.16 14.86
C PRO A 22 -8.65 6.30 16.18
N THR A 23 -8.25 5.19 16.76
CA THR A 23 -7.25 5.12 17.84
C THR A 23 -6.09 4.31 17.29
N ARG A 24 -4.87 4.50 17.80
CA ARG A 24 -3.71 3.67 17.39
C ARG A 24 -4.08 2.19 17.59
N SER A 25 -4.61 1.84 18.76
CA SER A 25 -5.01 0.46 19.09
C SER A 25 -5.91 -0.12 17.98
N ALA A 26 -6.90 0.64 17.50
CA ALA A 26 -7.86 0.14 16.52
C ALA A 26 -7.15 -0.21 15.22
N LEU A 27 -6.08 0.51 14.90
CA LEU A 27 -5.35 0.35 13.64
C LEU A 27 -4.34 -0.80 13.76
N THR A 28 -4.26 -1.52 14.88
CA THR A 28 -3.35 -2.69 15.03
C THR A 28 -4.14 -4.00 14.93
N ALA A 29 -5.42 -3.94 14.59
CA ALA A 29 -6.27 -5.12 14.38
C ALA A 29 -7.16 -4.87 13.17
N ASP A 30 -7.87 -5.90 12.72
CA ASP A 30 -8.83 -5.74 11.61
C ASP A 30 -9.86 -4.70 12.03
N GLY A 31 -10.37 -3.96 11.06
CA GLY A 31 -11.20 -2.76 11.27
C GLY A 31 -12.67 -3.12 11.29
N PRO A 32 -13.55 -2.11 11.22
CA PRO A 32 -14.97 -2.31 11.47
C PRO A 32 -15.76 -2.93 10.30
N PHE A 33 -15.17 -3.13 9.14
CA PHE A 33 -15.89 -3.69 7.97
C PHE A 33 -15.64 -5.20 7.90
N SER A 34 -16.72 -5.95 7.73
CA SER A 34 -16.71 -7.36 7.28
C SER A 34 -16.06 -7.42 5.90
N VAL A 35 -15.31 -8.48 5.65
CA VAL A 35 -14.53 -8.64 4.39
C VAL A 35 -15.03 -9.86 3.63
N LYS A 36 -15.20 -9.68 2.33
CA LYS A 36 -15.48 -10.81 1.42
C LYS A 36 -14.22 -10.93 0.54
N THR A 37 -13.98 -12.13 0.04
CA THR A 37 -12.82 -12.36 -0.84
C THR A 37 -13.29 -12.95 -2.16
N TYR A 38 -12.51 -12.66 -3.20
CA TYR A 38 -12.75 -13.22 -4.53
C TYR A 38 -11.41 -13.61 -5.15
N THR A 39 -11.24 -14.90 -5.45
CA THR A 39 -10.00 -15.38 -6.08
C THR A 39 -10.05 -15.07 -7.57
N VAL A 40 -9.01 -14.40 -8.04
CA VAL A 40 -8.80 -14.02 -9.47
C VAL A 40 -7.85 -15.04 -10.09
N SER A 41 -8.37 -15.97 -10.90
CA SER A 41 -7.52 -16.99 -11.54
C SER A 41 -6.54 -16.33 -12.49
N ARG A 42 -5.36 -16.92 -12.60
CA ARG A 42 -4.36 -16.53 -13.61
C ARG A 42 -4.98 -16.61 -15.00
N LEU A 43 -5.80 -17.63 -15.26
CA LEU A 43 -6.42 -17.85 -16.59
C LEU A 43 -7.37 -16.70 -16.92
N SER A 44 -8.04 -16.10 -15.94
CA SER A 44 -9.16 -15.14 -16.15
C SER A 44 -8.65 -13.75 -16.55
N VAL A 45 -7.35 -13.45 -16.42
CA VAL A 45 -6.89 -12.07 -16.66
C VAL A 45 -5.66 -12.10 -17.58
N SER A 46 -5.30 -10.96 -18.14
CA SER A 46 -3.98 -10.79 -18.78
C SER A 46 -3.25 -9.57 -18.18
N GLY A 47 -1.94 -9.54 -18.33
CA GLY A 47 -1.12 -8.41 -17.86
C GLY A 47 -0.65 -8.60 -16.42
N PHE A 48 -1.13 -9.61 -15.73
CA PHE A 48 -0.70 -10.01 -14.36
C PHE A 48 -1.18 -11.43 -14.09
N GLY A 49 -0.70 -12.01 -12.99
CA GLY A 49 -0.98 -13.43 -12.72
C GLY A 49 -2.19 -13.72 -11.86
N GLY A 50 -3.20 -12.87 -11.94
CA GLY A 50 -4.35 -13.02 -11.04
C GLY A 50 -3.99 -12.61 -9.62
N GLY A 51 -4.69 -13.19 -8.65
CA GLY A 51 -4.48 -12.84 -7.24
C GLY A 51 -5.76 -12.97 -6.41
N ARG A 52 -5.94 -12.04 -5.47
CA ARG A 52 -7.17 -12.08 -4.65
C ARG A 52 -7.67 -10.66 -4.31
N ILE A 53 -8.99 -10.49 -4.43
CA ILE A 53 -9.65 -9.22 -4.06
C ILE A 53 -10.23 -9.35 -2.66
N TYR A 54 -9.98 -8.36 -1.80
CA TYR A 54 -10.55 -8.29 -0.45
C TYR A 54 -11.43 -7.03 -0.46
N TYR A 55 -12.71 -7.17 -0.13
CA TYR A 55 -13.56 -5.98 -0.22
C TYR A 55 -14.64 -5.97 0.88
N PRO A 56 -15.04 -4.76 1.31
CA PRO A 56 -16.02 -4.66 2.36
C PRO A 56 -17.38 -5.24 1.96
N THR A 57 -18.08 -5.76 2.95
CA THR A 57 -19.45 -6.26 2.78
C THR A 57 -20.32 -5.72 3.93
N GLY A 58 -21.62 -6.00 3.88
CA GLY A 58 -22.59 -5.44 4.84
C GLY A 58 -22.51 -3.92 4.88
N THR A 59 -22.27 -3.26 3.75
CA THR A 59 -22.17 -1.77 3.73
C THR A 59 -22.86 -1.23 2.49
N SER A 60 -23.44 -0.04 2.53
CA SER A 60 -23.98 0.54 1.27
C SER A 60 -23.11 1.72 0.82
N LEU A 61 -21.86 1.77 1.26
CA LEU A 61 -20.87 2.81 0.86
C LEU A 61 -19.93 2.28 -0.22
N THR A 62 -19.20 3.16 -0.86
CA THR A 62 -18.08 2.79 -1.76
C THR A 62 -16.75 3.23 -1.13
N PHE A 63 -15.67 2.65 -1.64
CA PHE A 63 -14.31 2.80 -1.08
C PHE A 63 -13.28 2.94 -2.20
N GLY A 64 -12.12 3.52 -1.88
CA GLY A 64 -11.00 3.55 -2.81
C GLY A 64 -10.42 2.16 -2.99
N GLY A 65 -9.72 1.97 -4.09
CA GLY A 65 -9.05 0.72 -4.47
C GLY A 65 -7.58 0.79 -4.17
N ILE A 66 -6.99 -0.32 -3.75
CA ILE A 66 -5.51 -0.47 -3.60
C ILE A 66 -5.08 -1.71 -4.38
N ALA A 67 -4.08 -1.60 -5.25
CA ALA A 67 -3.40 -2.78 -5.81
C ALA A 67 -2.08 -2.95 -5.06
N MET A 68 -1.82 -4.22 -4.71
CA MET A 68 -0.61 -4.52 -3.92
C MET A 68 0.19 -5.66 -4.56
N SER A 69 1.51 -5.49 -4.60
CA SER A 69 2.43 -6.47 -5.22
C SER A 69 3.32 -7.07 -4.13
N PRO A 70 3.48 -8.41 -4.16
CA PRO A 70 4.46 -9.08 -3.33
C PRO A 70 5.80 -8.92 -4.03
N GLY A 71 6.82 -9.53 -3.44
CA GLY A 71 8.21 -9.39 -3.93
C GLY A 71 8.68 -10.61 -4.65
N TYR A 72 9.98 -10.64 -4.89
CA TYR A 72 10.70 -11.68 -5.66
C TYR A 72 10.45 -13.07 -5.07
N THR A 73 9.99 -14.02 -5.90
CA THR A 73 9.72 -15.43 -5.48
C THR A 73 8.39 -15.56 -4.73
N ALA A 74 7.78 -14.44 -4.36
CA ALA A 74 6.58 -14.52 -3.49
C ALA A 74 5.28 -14.50 -4.27
N ASP A 75 4.20 -14.85 -3.58
CA ASP A 75 2.89 -14.71 -4.27
C ASP A 75 1.92 -13.89 -3.41
N ALA A 76 0.71 -13.68 -3.91
CA ALA A 76 -0.25 -12.79 -3.21
C ALA A 76 -0.59 -13.36 -1.82
N SER A 77 -0.57 -14.69 -1.73
CA SER A 77 -1.03 -15.35 -0.48
C SER A 77 -0.20 -14.89 0.72
N SER A 78 1.06 -14.56 0.48
CA SER A 78 1.99 -14.17 1.57
C SER A 78 1.47 -12.91 2.27
N LEU A 79 0.83 -11.99 1.51
CA LEU A 79 0.36 -10.66 2.01
C LEU A 79 -1.15 -10.68 2.28
N ALA A 80 -1.79 -11.85 2.29
CA ALA A 80 -3.23 -11.97 2.59
C ALA A 80 -3.54 -11.19 3.85
N TRP A 81 -2.72 -11.30 4.90
CA TRP A 81 -3.06 -10.66 6.21
C TRP A 81 -3.27 -9.15 6.03
N LEU A 82 -2.47 -8.53 5.17
CA LEU A 82 -2.51 -7.08 4.93
C LEU A 82 -3.65 -6.74 3.96
N GLY A 83 -3.98 -7.63 3.03
CA GLY A 83 -5.20 -7.51 2.19
C GLY A 83 -6.42 -7.46 3.09
N ARG A 84 -6.55 -8.41 4.01
CA ARG A 84 -7.70 -8.41 4.97
C ARG A 84 -7.61 -7.19 5.87
N ARG A 85 -6.41 -6.82 6.33
CA ARG A 85 -6.30 -5.73 7.31
C ARG A 85 -6.77 -4.42 6.64
N LEU A 86 -6.26 -4.11 5.45
CA LEU A 86 -6.65 -2.88 4.72
C LEU A 86 -8.14 -2.94 4.37
N ALA A 87 -8.63 -4.04 3.80
CA ALA A 87 -10.04 -4.09 3.38
C ALA A 87 -10.97 -3.84 4.58
N SER A 88 -10.64 -4.42 5.74
CA SER A 88 -11.47 -4.36 6.98
C SER A 88 -11.55 -2.92 7.48
N HIS A 89 -10.62 -2.05 7.07
CA HIS A 89 -10.63 -0.62 7.45
C HIS A 89 -11.30 0.23 6.36
N GLY A 90 -11.79 -0.40 5.29
CA GLY A 90 -12.64 0.28 4.29
C GLY A 90 -11.90 0.56 2.99
N PHE A 91 -11.45 -0.49 2.31
CA PHE A 91 -10.75 -0.38 1.01
C PHE A 91 -11.10 -1.61 0.17
N VAL A 92 -11.13 -1.45 -1.15
CA VAL A 92 -11.15 -2.61 -2.08
C VAL A 92 -9.68 -2.90 -2.39
N VAL A 93 -9.19 -4.07 -2.02
CA VAL A 93 -7.74 -4.42 -2.19
C VAL A 93 -7.58 -5.60 -3.13
N LEU A 94 -6.76 -5.45 -4.16
CA LEU A 94 -6.37 -6.56 -5.05
C LEU A 94 -4.88 -6.82 -4.87
N VAL A 95 -4.55 -7.96 -4.28
CA VAL A 95 -3.15 -8.40 -4.08
C VAL A 95 -2.85 -9.32 -5.24
N ILE A 96 -1.85 -8.98 -6.04
CA ILE A 96 -1.57 -9.71 -7.29
C ILE A 96 -0.56 -10.83 -7.07
N ASN A 97 -0.69 -11.87 -7.89
CA ASN A 97 0.44 -12.72 -8.32
C ASN A 97 1.06 -12.10 -9.57
N THR A 98 2.34 -12.35 -9.80
CA THR A 98 3.06 -11.90 -11.00
C THR A 98 3.06 -13.01 -12.04
N ASN A 99 3.20 -12.62 -13.29
CA ASN A 99 3.30 -13.55 -14.46
C ASN A 99 4.38 -14.58 -14.16
N SER A 100 5.56 -14.12 -13.69
CA SER A 100 6.60 -15.03 -13.16
C SER A 100 7.02 -14.57 -11.76
N ARG A 101 7.27 -15.51 -10.86
CA ARG A 101 7.76 -15.20 -9.50
C ARG A 101 9.08 -14.43 -9.60
N PHE A 102 9.80 -14.48 -10.73
CA PHE A 102 11.12 -13.83 -10.89
C PHE A 102 11.02 -12.44 -11.53
N ASP A 103 9.82 -11.97 -11.83
CA ASP A 103 9.63 -10.61 -12.40
C ASP A 103 10.32 -9.58 -11.51
N GLY A 104 11.04 -8.68 -12.13
CA GLY A 104 11.69 -7.58 -11.39
C GLY A 104 10.70 -6.45 -11.13
N PRO A 105 11.21 -5.39 -10.46
CA PRO A 105 10.34 -4.34 -9.95
C PRO A 105 9.62 -3.54 -11.03
N ASP A 106 10.27 -3.23 -12.16
CA ASP A 106 9.62 -2.47 -13.25
C ASP A 106 8.49 -3.29 -13.90
N SER A 107 8.68 -4.61 -14.06
CA SER A 107 7.64 -5.57 -14.47
C SER A 107 6.45 -5.55 -13.50
N ARG A 108 6.73 -5.59 -12.19
CA ARG A 108 5.69 -5.50 -11.15
C ARG A 108 4.90 -4.19 -11.33
N ALA A 109 5.57 -3.08 -11.67
CA ALA A 109 4.87 -1.79 -11.89
C ALA A 109 3.84 -1.97 -13.02
N SER A 110 4.24 -2.57 -14.14
CA SER A 110 3.32 -2.83 -15.29
C SER A 110 2.17 -3.70 -14.85
N GLN A 111 2.45 -4.68 -13.99
CA GLN A 111 1.42 -5.66 -13.58
C GLN A 111 0.43 -5.02 -12.58
N LEU A 112 0.91 -4.15 -11.70
CA LEU A 112 0.02 -3.35 -10.81
C LEU A 112 -0.91 -2.49 -11.67
N SER A 113 -0.37 -1.93 -12.75
CA SER A 113 -1.19 -1.10 -13.66
C SER A 113 -2.32 -1.94 -14.27
N ALA A 114 -1.97 -3.11 -14.81
CA ALA A 114 -2.99 -3.99 -15.42
C ALA A 114 -4.04 -4.38 -14.36
N ALA A 115 -3.57 -4.59 -13.14
CA ALA A 115 -4.47 -5.03 -12.05
C ALA A 115 -5.49 -3.95 -11.69
N LEU A 116 -5.02 -2.71 -11.65
CA LEU A 116 -5.95 -1.59 -11.37
C LEU A 116 -7.00 -1.51 -12.49
N ASN A 117 -6.55 -1.65 -13.72
CA ASN A 117 -7.47 -1.58 -14.88
C ASN A 117 -8.53 -2.69 -14.75
N TYR A 118 -8.06 -3.92 -14.49
CA TYR A 118 -9.01 -5.03 -14.30
C TYR A 118 -9.95 -4.70 -13.12
N LEU A 119 -9.37 -4.24 -12.01
CA LEU A 119 -10.19 -3.96 -10.80
C LEU A 119 -11.35 -3.05 -11.19
N ARG A 120 -11.05 -1.98 -11.91
CA ARG A 120 -12.08 -0.97 -12.25
C ARG A 120 -13.04 -1.48 -13.31
N THR A 121 -12.58 -2.36 -14.18
CA THR A 121 -13.39 -2.70 -15.38
C THR A 121 -13.98 -4.11 -15.41
N SER A 122 -13.26 -5.13 -14.98
CA SER A 122 -13.69 -6.53 -15.21
C SER A 122 -13.80 -7.40 -13.96
N SER A 123 -13.50 -6.83 -12.79
CA SER A 123 -13.72 -7.55 -11.52
C SER A 123 -15.21 -7.90 -11.40
N PRO A 124 -15.62 -8.79 -10.48
CA PRO A 124 -17.05 -9.09 -10.31
C PRO A 124 -17.92 -7.85 -10.00
N SER A 125 -19.20 -7.92 -10.40
CA SER A 125 -20.22 -6.88 -10.12
C SER A 125 -20.17 -6.43 -8.68
N ALA A 126 -20.16 -7.39 -7.75
CA ALA A 126 -20.17 -7.06 -6.31
C ALA A 126 -18.94 -6.24 -5.89
N VAL A 127 -17.83 -6.39 -6.61
CA VAL A 127 -16.57 -5.68 -6.28
C VAL A 127 -16.70 -4.27 -6.81
N ARG A 128 -17.10 -4.12 -8.07
CA ARG A 128 -17.20 -2.78 -8.69
C ARG A 128 -18.31 -1.99 -7.99
N ALA A 129 -19.32 -2.64 -7.45
CA ALA A 129 -20.40 -1.97 -6.66
C ALA A 129 -19.80 -1.21 -5.48
N ARG A 130 -18.70 -1.71 -4.91
CA ARG A 130 -18.11 -1.13 -3.66
C ARG A 130 -16.94 -0.21 -3.98
N LEU A 131 -16.58 -0.03 -5.25
CA LEU A 131 -15.36 0.67 -5.68
C LEU A 131 -15.66 2.08 -6.19
N ASP A 132 -14.95 3.08 -5.65
CA ASP A 132 -14.78 4.40 -6.29
C ASP A 132 -13.51 4.32 -7.13
N ALA A 133 -13.66 4.09 -8.42
CA ALA A 133 -12.53 3.90 -9.37
C ALA A 133 -11.72 5.20 -9.50
N ASN A 134 -12.22 6.33 -9.02
CA ASN A 134 -11.52 7.62 -9.10
C ASN A 134 -10.48 7.73 -7.99
N ARG A 135 -10.48 6.81 -7.01
CA ARG A 135 -9.55 6.93 -5.85
C ARG A 135 -8.76 5.64 -5.67
N LEU A 136 -7.54 5.61 -6.20
CA LEU A 136 -6.75 4.37 -6.30
C LEU A 136 -5.37 4.66 -5.70
N ALA A 137 -4.80 3.60 -5.14
CA ALA A 137 -3.46 3.65 -4.54
C ALA A 137 -2.77 2.33 -4.75
N VAL A 138 -1.50 2.29 -4.40
CA VAL A 138 -0.60 1.13 -4.59
C VAL A 138 0.26 0.94 -3.35
N ALA A 139 0.62 -0.32 -3.11
CA ALA A 139 1.55 -0.71 -2.04
C ALA A 139 2.26 -1.97 -2.51
N GLY A 140 3.37 -2.34 -1.87
CA GLY A 140 4.04 -3.57 -2.27
C GLY A 140 5.23 -3.84 -1.43
N HIS A 141 5.63 -5.10 -1.40
CA HIS A 141 6.74 -5.59 -0.55
C HIS A 141 7.97 -5.85 -1.43
N SER A 142 9.13 -5.36 -1.02
CA SER A 142 10.42 -5.72 -1.63
C SER A 142 10.45 -5.24 -3.09
N MET A 143 10.66 -6.12 -4.08
CA MET A 143 10.55 -5.68 -5.49
C MET A 143 9.15 -5.11 -5.76
N GLY A 144 8.10 -5.60 -5.11
CA GLY A 144 6.74 -5.03 -5.23
C GLY A 144 6.72 -3.58 -4.73
N GLY A 145 7.54 -3.25 -3.76
CA GLY A 145 7.73 -1.86 -3.32
C GLY A 145 8.48 -1.03 -4.32
N GLY A 146 9.48 -1.62 -4.99
CA GLY A 146 10.14 -0.95 -6.13
C GLY A 146 9.12 -0.71 -7.23
N GLY A 147 8.21 -1.65 -7.45
CA GLY A 147 7.22 -1.46 -8.53
C GLY A 147 6.18 -0.43 -8.11
N THR A 148 5.92 -0.32 -6.79
CA THR A 148 5.03 0.72 -6.23
C THR A 148 5.61 2.10 -6.59
N LEU A 149 6.91 2.29 -6.40
CA LEU A 149 7.60 3.59 -6.69
C LEU A 149 7.50 3.87 -8.17
N ARG A 150 7.76 2.87 -8.99
CA ARG A 150 7.72 3.04 -10.47
C ARG A 150 6.30 3.36 -10.98
N ILE A 151 5.29 2.61 -10.57
CA ILE A 151 3.92 2.92 -11.02
C ILE A 151 3.44 4.31 -10.53
N ALA A 152 3.78 4.74 -9.31
CA ALA A 152 3.53 6.11 -8.80
C ALA A 152 4.06 7.15 -9.81
N GLU A 153 5.29 6.95 -10.26
CA GLU A 153 5.92 7.82 -11.27
C GLU A 153 5.11 7.76 -12.59
N GLN A 154 4.64 6.59 -12.97
CA GLN A 154 3.94 6.39 -14.26
C GLN A 154 2.48 6.88 -14.20
N ASN A 155 1.85 6.91 -13.02
CA ASN A 155 0.39 7.16 -12.88
C ASN A 155 0.16 8.22 -11.81
N PRO A 156 0.39 9.51 -12.15
CA PRO A 156 0.25 10.59 -11.19
C PRO A 156 -1.14 10.70 -10.55
N SER A 157 -2.19 10.13 -11.16
CA SER A 157 -3.55 10.26 -10.60
C SER A 157 -3.70 9.44 -9.33
N LEU A 158 -2.81 8.46 -9.11
CA LEU A 158 -2.86 7.63 -7.88
C LEU A 158 -2.80 8.54 -6.67
N LYS A 159 -3.57 8.21 -5.62
CA LYS A 159 -3.70 9.08 -4.42
C LYS A 159 -2.52 8.85 -3.46
N ALA A 160 -1.95 7.65 -3.40
CA ALA A 160 -0.93 7.29 -2.41
C ALA A 160 -0.13 6.09 -2.90
N ALA A 161 1.08 5.97 -2.37
CA ALA A 161 1.99 4.82 -2.60
C ALA A 161 2.67 4.45 -1.31
N VAL A 162 2.69 3.18 -0.97
CA VAL A 162 3.31 2.67 0.29
C VAL A 162 4.22 1.48 -0.07
N PRO A 163 5.51 1.79 -0.34
CA PRO A 163 6.52 0.76 -0.52
C PRO A 163 6.92 0.24 0.87
N LEU A 164 6.83 -1.08 1.04
CA LEU A 164 7.22 -1.83 2.26
C LEU A 164 8.53 -2.57 2.01
N THR A 165 9.55 -2.26 2.83
CA THR A 165 10.92 -2.76 2.74
C THR A 165 11.29 -2.89 1.27
N PRO A 166 11.23 -1.76 0.52
CA PRO A 166 11.39 -1.79 -0.93
C PRO A 166 12.82 -2.11 -1.40
N TRP A 167 12.87 -2.70 -2.59
CA TRP A 167 14.08 -3.05 -3.34
C TRP A 167 13.92 -2.53 -4.76
N HIS A 168 14.89 -1.77 -5.26
CA HIS A 168 15.03 -1.39 -6.66
C HIS A 168 16.50 -1.03 -6.90
N THR A 169 17.00 -1.28 -8.12
CA THR A 169 18.34 -0.81 -8.58
C THR A 169 18.27 0.69 -8.87
N ASP A 170 17.12 1.18 -9.33
CA ASP A 170 16.89 2.62 -9.59
C ASP A 170 16.60 3.29 -8.23
N LYS A 171 17.32 4.35 -7.89
CA LYS A 171 17.19 4.99 -6.55
C LYS A 171 16.39 6.30 -6.62
N THR A 172 16.01 6.76 -7.81
CA THR A 172 15.37 8.08 -8.00
C THR A 172 14.03 7.92 -8.72
N PHE A 173 12.94 8.28 -8.08
CA PHE A 173 11.58 8.21 -8.65
C PHE A 173 11.02 9.62 -8.67
N ASN A 174 10.69 10.10 -9.85
CA ASN A 174 10.13 11.45 -10.07
C ASN A 174 8.59 11.34 -10.04
N THR A 175 8.04 11.06 -8.87
CA THR A 175 6.58 10.98 -8.64
C THR A 175 6.12 12.18 -7.81
N SER A 176 4.90 12.64 -8.08
CA SER A 176 4.13 13.63 -7.29
C SER A 176 3.17 12.92 -6.33
N VAL A 177 3.06 11.60 -6.41
CA VAL A 177 2.06 10.82 -5.61
C VAL A 177 2.60 10.78 -4.18
N PRO A 178 1.83 11.12 -3.14
CA PRO A 178 2.33 11.03 -1.76
C PRO A 178 2.83 9.62 -1.41
N VAL A 179 4.06 9.56 -0.89
CA VAL A 179 4.78 8.28 -0.65
C VAL A 179 5.07 8.16 0.85
N LEU A 180 4.72 7.03 1.45
CA LEU A 180 5.23 6.64 2.79
C LEU A 180 5.99 5.33 2.59
N ILE A 181 7.27 5.35 2.92
CA ILE A 181 8.16 4.15 2.79
C ILE A 181 8.36 3.56 4.16
N VAL A 182 8.25 2.24 4.27
CA VAL A 182 8.60 1.54 5.53
C VAL A 182 9.92 0.80 5.27
N GLY A 183 10.94 1.13 6.06
CA GLY A 183 12.19 0.37 6.13
C GLY A 183 12.23 -0.54 7.36
N ALA A 184 13.17 -1.48 7.40
CA ALA A 184 13.37 -2.38 8.56
C ALA A 184 14.84 -2.39 8.93
N GLU A 185 15.15 -2.02 10.18
CA GLU A 185 16.53 -1.70 10.57
C GLU A 185 17.44 -2.89 10.24
N ALA A 186 17.01 -4.15 10.44
CA ALA A 186 17.87 -5.35 10.30
C ALA A 186 17.62 -6.06 8.96
N ASP A 187 17.15 -5.27 7.98
CA ASP A 187 16.95 -5.78 6.62
C ASP A 187 18.30 -6.03 5.98
N THR A 188 18.57 -7.28 5.59
CA THR A 188 19.82 -7.69 4.89
C THR A 188 19.55 -7.93 3.39
N VAL A 189 18.30 -7.92 2.97
CA VAL A 189 17.94 -8.19 1.56
C VAL A 189 17.93 -6.86 0.80
N ALA A 190 17.37 -5.81 1.41
CA ALA A 190 17.26 -4.46 0.83
C ALA A 190 17.74 -3.51 1.90
N PRO A 191 19.04 -3.54 2.26
CA PRO A 191 19.52 -2.72 3.35
C PRO A 191 19.06 -1.26 3.17
N VAL A 192 18.62 -0.64 4.27
CA VAL A 192 17.92 0.66 4.29
C VAL A 192 18.79 1.75 3.66
N SER A 193 20.10 1.75 3.91
CA SER A 193 20.96 2.81 3.37
C SER A 193 21.16 2.69 1.85
N GLN A 194 20.88 1.52 1.27
CA GLN A 194 21.03 1.36 -0.19
C GLN A 194 19.67 1.37 -0.90
N HIS A 195 18.55 1.22 -0.19
CA HIS A 195 17.20 1.12 -0.82
C HIS A 195 16.25 2.14 -0.16
N ALA A 196 15.54 1.75 0.91
CA ALA A 196 14.47 2.57 1.54
C ALA A 196 14.92 4.05 1.67
N ILE A 197 16.11 4.29 2.24
CA ILE A 197 16.50 5.68 2.62
C ILE A 197 16.75 6.49 1.35
N PRO A 198 17.58 6.03 0.41
CA PRO A 198 17.78 6.81 -0.81
C PRO A 198 16.48 7.03 -1.59
N PHE A 199 15.59 6.02 -1.66
CA PHE A 199 14.29 6.24 -2.35
C PHE A 199 13.61 7.48 -1.75
N TYR A 200 13.55 7.48 -0.41
CA TYR A 200 12.87 8.59 0.28
C TYR A 200 13.57 9.92 -0.01
N GLN A 201 14.88 9.94 0.16
CA GLN A 201 15.66 11.21 -0.01
C GLN A 201 15.58 11.72 -1.45
N ASN A 202 15.59 10.81 -2.41
CA ASN A 202 15.64 11.17 -3.86
C ASN A 202 14.26 11.55 -4.42
N LEU A 203 13.19 11.26 -3.70
CA LEU A 203 11.84 11.74 -4.15
C LEU A 203 11.86 13.28 -4.17
N PRO A 204 11.09 13.91 -5.08
CA PRO A 204 11.05 15.37 -5.17
C PRO A 204 10.72 15.99 -3.82
N SER A 205 11.35 17.13 -3.54
CA SER A 205 11.14 17.84 -2.26
C SER A 205 9.72 18.39 -2.18
N THR A 206 9.05 18.52 -3.32
CA THR A 206 7.67 19.06 -3.46
C THR A 206 6.63 17.95 -3.21
N THR A 207 7.03 16.68 -3.22
CA THR A 207 6.08 15.55 -3.12
C THR A 207 5.87 15.27 -1.64
N PRO A 208 4.63 15.18 -1.13
CA PRO A 208 4.47 14.80 0.27
C PRO A 208 5.09 13.42 0.53
N LYS A 209 6.01 13.34 1.48
CA LYS A 209 6.71 12.06 1.77
C LYS A 209 7.01 11.88 3.26
N VAL A 210 7.05 10.60 3.65
CA VAL A 210 7.38 10.10 5.00
C VAL A 210 8.23 8.85 4.84
N TYR A 211 9.27 8.76 5.64
CA TYR A 211 10.06 7.53 5.84
C TYR A 211 9.90 7.12 7.31
N VAL A 212 9.56 5.86 7.54
CA VAL A 212 9.58 5.25 8.90
C VAL A 212 10.41 3.97 8.80
N GLU A 213 11.21 3.74 9.83
CA GLU A 213 12.05 2.53 9.91
C GLU A 213 11.63 1.75 11.15
N LEU A 214 11.29 0.48 10.96
CA LEU A 214 10.91 -0.44 12.07
C LEU A 214 12.16 -0.82 12.86
N CYS A 215 12.14 -0.59 14.15
CA CYS A 215 13.13 -1.13 15.12
C CYS A 215 12.98 -2.66 15.15
N ASN A 216 14.08 -3.40 15.30
CA ASN A 216 14.03 -4.84 15.60
C ASN A 216 13.19 -5.59 14.56
N ALA A 217 13.37 -5.29 13.28
CA ALA A 217 12.58 -5.90 12.19
C ALA A 217 13.48 -6.14 10.97
N SER A 218 13.16 -7.16 10.18
CA SER A 218 13.97 -7.64 9.03
C SER A 218 13.14 -7.49 7.76
N HIS A 219 13.69 -7.92 6.63
CA HIS A 219 13.02 -7.87 5.30
C HIS A 219 11.67 -8.57 5.35
N ILE A 220 11.48 -9.59 6.19
CA ILE A 220 10.22 -10.41 6.17
C ILE A 220 9.14 -9.82 7.08
N ALA A 221 9.39 -8.69 7.73
CA ALA A 221 8.42 -8.10 8.69
C ALA A 221 7.06 -7.87 8.02
N PRO A 222 6.94 -7.42 6.74
CA PRO A 222 5.63 -7.26 6.11
C PRO A 222 4.88 -8.54 5.77
N ASN A 223 5.51 -9.71 5.86
CA ASN A 223 4.88 -10.99 5.50
C ASN A 223 4.03 -11.53 6.65
N SER A 224 4.00 -10.86 7.79
CA SER A 224 3.15 -11.31 8.92
C SER A 224 2.63 -10.07 9.62
N PRO A 225 1.46 -10.19 10.31
CA PRO A 225 0.83 -9.05 10.95
C PRO A 225 1.86 -8.28 11.77
N ASN A 226 1.89 -6.96 11.55
CA ASN A 226 2.88 -6.05 12.13
C ASN A 226 2.15 -4.76 12.50
N ALA A 227 2.09 -4.42 13.79
CA ALA A 227 1.27 -3.32 14.30
C ALA A 227 1.68 -2.02 13.60
N ALA A 228 2.97 -1.76 13.53
CA ALA A 228 3.49 -0.49 12.95
C ALA A 228 3.14 -0.42 11.46
N ILE A 229 3.38 -1.47 10.71
CA ILE A 229 3.06 -1.47 9.26
C ILE A 229 1.56 -1.19 9.09
N SER A 230 0.71 -1.79 9.92
CA SER A 230 -0.77 -1.61 9.86
C SER A 230 -1.09 -0.13 10.14
N VAL A 231 -0.57 0.41 11.24
CA VAL A 231 -0.86 1.83 11.62
C VAL A 231 -0.46 2.78 10.46
N TYR A 232 0.77 2.70 9.96
CA TYR A 232 1.28 3.70 8.98
C TYR A 232 0.63 3.48 7.61
N THR A 233 0.44 2.23 7.18
CA THR A 233 -0.20 1.91 5.88
C THR A 233 -1.66 2.39 5.91
N ILE A 234 -2.44 1.98 6.92
CA ILE A 234 -3.86 2.43 7.02
C ILE A 234 -3.88 3.96 7.07
N SER A 235 -3.02 4.56 7.87
CA SER A 235 -3.05 6.05 8.07
C SER A 235 -2.76 6.75 6.75
N TRP A 236 -1.71 6.34 6.03
CA TRP A 236 -1.36 7.03 4.77
C TRP A 236 -2.47 6.84 3.73
N MET A 237 -3.04 5.63 3.66
CA MET A 237 -4.11 5.32 2.69
C MET A 237 -5.34 6.19 3.03
N LYS A 238 -5.72 6.21 4.30
CA LYS A 238 -6.87 7.01 4.80
C LYS A 238 -6.67 8.48 4.43
N LEU A 239 -5.50 9.02 4.77
CA LEU A 239 -5.26 10.46 4.62
C LEU A 239 -5.43 10.84 3.16
N TRP A 240 -4.90 10.06 2.23
CA TRP A 240 -4.74 10.51 0.82
C TRP A 240 -5.80 9.88 -0.08
N VAL A 241 -6.13 8.61 0.14
CA VAL A 241 -7.18 7.99 -0.71
C VAL A 241 -8.53 8.58 -0.31
N ASP A 242 -8.78 8.77 0.99
CA ASP A 242 -10.11 9.23 1.51
C ASP A 242 -10.11 10.71 1.87
N ASN A 243 -8.99 11.44 1.75
CA ASN A 243 -8.86 12.82 2.28
C ASN A 243 -9.22 12.86 3.78
N ASP A 244 -8.96 11.79 4.52
CA ASP A 244 -9.44 11.61 5.90
C ASP A 244 -8.42 12.20 6.88
N THR A 245 -8.60 13.49 7.19
CA THR A 245 -7.63 14.27 7.99
C THR A 245 -7.58 13.75 9.43
N ARG A 246 -8.51 12.86 9.84
CA ARG A 246 -8.50 12.30 11.22
C ARG A 246 -7.24 11.45 11.43
N TYR A 247 -6.60 11.02 10.35
CA TYR A 247 -5.45 10.09 10.40
C TYR A 247 -4.16 10.89 10.51
N ARG A 248 -4.22 12.22 10.41
CA ARG A 248 -2.99 13.04 10.61
C ARG A 248 -2.37 12.76 11.97
N GLN A 249 -3.21 12.52 12.98
CA GLN A 249 -2.76 12.28 14.36
C GLN A 249 -1.70 11.19 14.44
N PHE A 250 -1.71 10.22 13.53
CA PHE A 250 -0.74 9.10 13.53
C PHE A 250 0.52 9.47 12.73
N LEU A 251 0.52 10.58 11.99
CA LEU A 251 1.53 10.88 10.94
C LEU A 251 2.28 12.17 11.28
N CYS A 252 1.84 12.87 12.33
CA CYS A 252 2.24 14.27 12.63
C CYS A 252 2.70 14.38 14.07
N ASN A 253 3.95 14.81 14.26
CA ASN A 253 4.56 14.86 15.60
C ASN A 253 4.40 13.52 16.28
N VAL A 254 4.95 12.52 15.64
CA VAL A 254 4.86 11.10 16.06
C VAL A 254 5.95 10.84 17.10
N ASN A 255 5.65 10.08 18.15
CA ASN A 255 6.68 9.48 19.04
C ASN A 255 6.38 8.00 19.23
N ASP A 256 6.79 7.17 18.28
CA ASP A 256 6.41 5.74 18.28
C ASP A 256 7.66 4.95 18.63
N PRO A 257 7.67 4.25 19.78
CA PRO A 257 8.79 3.41 20.21
C PRO A 257 9.11 2.26 19.23
N ALA A 258 8.16 1.90 18.39
CA ALA A 258 8.36 0.86 17.34
C ALA A 258 9.23 1.43 16.20
N LEU A 259 9.38 2.75 16.10
CA LEU A 259 10.12 3.39 14.98
C LEU A 259 11.53 3.86 15.42
N CYS A 260 12.50 3.68 14.55
CA CYS A 260 13.93 3.94 14.81
C CYS A 260 14.42 5.09 13.91
N ASP A 261 13.64 5.44 12.89
CA ASP A 261 13.92 6.54 11.92
C ASP A 261 12.56 7.10 11.53
N PHE A 262 12.46 8.43 11.52
CA PHE A 262 11.23 9.10 11.05
C PHE A 262 11.71 10.30 10.27
N ARG A 263 11.27 10.41 9.02
CA ARG A 263 11.65 11.54 8.14
C ARG A 263 10.41 12.04 7.36
N THR A 264 10.27 13.35 7.23
CA THR A 264 9.15 13.92 6.46
C THR A 264 9.52 15.30 5.97
N ASN A 265 8.90 15.72 4.87
CA ASN A 265 8.98 17.13 4.42
C ASN A 265 7.73 17.88 4.87
N ASN A 266 6.87 17.24 5.67
CA ASN A 266 5.82 17.95 6.45
C ASN A 266 4.81 18.59 5.48
N ARG A 267 4.37 17.85 4.48
CA ARG A 267 3.40 18.40 3.52
C ARG A 267 2.08 17.64 3.72
N HIS A 268 1.89 16.97 4.85
CA HIS A 268 0.71 16.09 5.01
C HIS A 268 -0.07 16.45 6.28
N CYS A 269 0.38 17.42 7.08
CA CYS A 269 -0.19 17.68 8.42
C CYS A 269 -1.16 18.85 8.43
N GLN A 270 -1.35 19.50 7.27
CA GLN A 270 -2.17 20.72 7.10
C GLN A 270 -2.50 20.79 5.61
N1 BCN B . 13.03 -6.71 -15.97
C1 BCN B . 13.52 -5.82 -14.91
C2 BCN B . 12.40 -5.26 -14.03
O21 BCN B . 11.27 -5.74 -14.18
O22 BCN B . 12.73 -4.39 -13.22
C3 BCN B . 13.55 -8.08 -15.85
C4 BCN B . 12.73 -8.95 -14.91
O4 BCN B . 11.33 -8.73 -15.05
C5 BCN B . 13.17 -6.12 -17.31
C6 BCN B . 12.01 -6.48 -18.20
O6 BCN B . 10.78 -6.24 -17.53
C1 EDO C . 21.12 10.86 2.67
O1 EDO C . 20.77 12.12 2.12
C2 EDO C . 20.15 10.23 3.59
O2 EDO C . 20.50 10.28 4.97
#